data_1CFQ
#
_entry.id   1CFQ
#
_cell.length_a   147.340
_cell.length_b   55.600
_cell.length_c   75.670
_cell.angle_alpha   90.00
_cell.angle_beta   118.91
_cell.angle_gamma   90.00
#
_symmetry.space_group_name_H-M   'C 1 2 1'
#
loop_
_entity.id
_entity.type
_entity.pdbx_description
1 polymer 'PROTEIN (IGG2A KAPPA ANTIBODY CB41 (LIGHT CHAIN))'
2 polymer 'PROTEIN (IGG2A KAPPA ANTIBODY CB41 (HEAVY CHAIN))'
3 water water
#
loop_
_entity_poly.entity_id
_entity_poly.type
_entity_poly.pdbx_seq_one_letter_code
_entity_poly.pdbx_strand_id
1 'polypeptide(L)'
;DIKMTQSPSSMYTSLGERVTITCKASQDINSFLTWFLQKPGKSPKTLIYRANRLMIGVPSRFSGSGSGQTYSLTISSLEY
EDMGIYYCLQYDDFPLTFGAGTKLDLKRADAAPTVSIFPPSSEQLTSGGASVVCFLNNFYPKEINVKWKIDGSERQNGVL
DSWTEQDSKDSTYSMSSTLTLTKDEYERHNSYTCEATHKTSTSPIVKSFNRNEC
;
A
2 'polypeptide(L)'
;QDQLQQSGAELVRPGASVKLSCKALGYIFTDYEIHWVKQTPVHGLEWIGGIHPGSSGTAYNQKFKGKATLTADKSSTTAF
MELSSLTSEDSAVYYCTRKDYWGQGTLVTVSAAKTTAPSVYPLVPVCGGTTGSSVTLGCLVKGYFPEPVTLTWNSGSLSS
GVHTFPALLQSGLYTLSSSVTVTSNTWPSQTITCNVAHPASSTKVDKKIEPRV
;
B
#
# COMPACT_ATOMS: atom_id res chain seq x y z
N ASP A 1 18.39 16.43 -13.32
CA ASP A 1 17.44 17.60 -13.30
C ASP A 1 17.39 18.16 -11.90
N ILE A 2 16.58 19.01 -11.30
CA ILE A 2 16.78 19.36 -9.88
C ILE A 2 16.41 18.20 -8.94
N LYS A 3 17.32 17.82 -8.05
CA LYS A 3 17.05 16.69 -7.17
C LYS A 3 16.81 17.08 -5.73
N MET A 4 15.75 16.45 -5.17
CA MET A 4 15.44 16.63 -3.76
C MET A 4 15.77 15.34 -3.02
N THR A 5 16.60 15.43 -1.99
CA THR A 5 16.93 14.29 -1.18
C THR A 5 16.48 14.46 0.28
N GLN A 6 15.58 13.52 0.65
CA GLN A 6 14.94 13.50 1.95
C GLN A 6 15.58 12.51 2.91
N SER A 7 15.58 12.80 4.21
CA SER A 7 16.19 11.98 5.25
C SER A 7 15.52 12.19 6.60
N PRO A 8 15.32 11.14 7.37
CA PRO A 8 15.65 9.78 6.94
C PRO A 8 14.49 9.31 6.07
N SER A 9 14.45 8.06 5.68
CA SER A 9 13.33 7.59 4.85
C SER A 9 12.20 7.16 5.76
N SER A 10 12.58 6.72 6.96
CA SER A 10 11.59 6.28 7.94
C SER A 10 12.17 6.36 9.35
N MET A 11 11.27 6.61 10.30
CA MET A 11 11.68 6.60 11.70
C MET A 11 10.67 5.92 12.62
N TYR A 12 11.23 5.64 13.78
CA TYR A 12 10.61 5.05 14.94
C TYR A 12 10.64 6.06 16.08
N THR A 13 9.50 6.66 16.35
CA THR A 13 9.39 7.67 17.40
C THR A 13 8.28 7.29 18.36
N SER A 14 8.26 7.85 19.56
CA SER A 14 7.13 7.63 20.45
C SER A 14 6.43 8.96 20.73
N LEU A 15 5.12 8.98 20.57
CA LEU A 15 4.34 10.18 20.78
C LEU A 15 4.87 11.04 21.92
N GLY A 16 5.01 12.33 21.63
CA GLY A 16 5.49 13.27 22.63
C GLY A 16 6.90 13.76 22.46
N GLU A 17 7.64 13.33 21.43
CA GLU A 17 9.01 13.79 21.28
C GLU A 17 9.22 14.58 19.99
N ARG A 18 10.44 15.10 19.86
CA ARG A 18 10.79 15.98 18.74
C ARG A 18 11.46 15.17 17.64
N VAL A 19 10.84 15.23 16.47
CA VAL A 19 11.39 14.58 15.27
C VAL A 19 11.82 15.76 14.39
N THR A 20 12.66 15.55 13.42
CA THR A 20 13.17 16.55 12.49
C THR A 20 13.46 15.82 11.18
N ILE A 21 12.82 16.26 10.11
CA ILE A 21 13.00 15.62 8.79
C ILE A 21 13.95 16.47 7.98
N THR A 22 14.34 16.14 6.76
CA THR A 22 15.25 16.96 5.98
C THR A 22 15.00 16.86 4.48
N CYS A 23 15.14 17.95 3.76
CA CYS A 23 15.21 17.92 2.31
C CYS A 23 16.46 18.69 1.89
N LYS A 24 17.02 18.32 0.76
CA LYS A 24 18.24 19.07 0.36
C LYS A 24 18.22 19.04 -1.15
N ALA A 25 18.21 20.21 -1.78
CA ALA A 25 18.10 20.17 -3.24
C ALA A 25 19.49 20.21 -3.83
N SER A 26 19.57 20.03 -5.13
CA SER A 26 20.86 19.87 -5.81
C SER A 26 21.43 21.23 -6.18
N GLN A 27 20.54 22.23 -6.07
CA GLN A 27 20.88 23.63 -6.31
C GLN A 27 20.00 24.47 -5.39
N ASP A 28 20.48 25.67 -5.07
CA ASP A 28 19.74 26.61 -4.25
C ASP A 28 18.33 26.81 -4.82
N ILE A 29 17.30 26.77 -3.96
CA ILE A 29 15.95 26.91 -4.50
C ILE A 29 15.20 28.11 -3.90
N ASN A 30 15.96 28.94 -3.18
CA ASN A 30 15.53 30.21 -2.63
C ASN A 30 14.10 30.14 -2.10
N SER A 31 14.01 29.35 -1.04
CA SER A 31 12.88 29.05 -0.22
C SER A 31 11.56 28.74 -0.89
N PHE A 32 11.55 28.20 -2.11
CA PHE A 32 10.29 27.73 -2.69
C PHE A 32 10.11 26.23 -2.39
N LEU A 33 9.71 25.98 -1.14
CA LEU A 33 9.47 24.67 -0.61
C LEU A 33 8.19 24.57 0.22
N THR A 34 7.37 23.60 -0.19
CA THR A 34 6.22 23.14 0.60
C THR A 34 6.58 21.83 1.29
N TRP A 35 6.02 21.60 2.46
CA TRP A 35 6.18 20.37 3.22
C TRP A 35 4.73 19.84 3.41
N PHE A 36 4.43 18.65 2.91
CA PHE A 36 3.07 18.15 3.04
C PHE A 36 3.00 16.80 3.73
N LEU A 37 1.78 16.46 4.14
CA LEU A 37 1.52 15.23 4.86
C LEU A 37 0.50 14.40 4.10
N GLN A 38 0.77 13.10 4.02
CA GLN A 38 -0.13 12.19 3.33
C GLN A 38 -0.50 11.06 4.28
N LYS A 39 -1.80 10.86 4.44
CA LYS A 39 -2.29 9.87 5.41
C LYS A 39 -3.19 8.84 4.74
N PRO A 40 -3.18 7.65 5.31
CA PRO A 40 -3.96 6.51 4.83
C PRO A 40 -5.31 6.90 4.27
N GLY A 41 -5.37 6.83 2.94
CA GLY A 41 -6.55 7.24 2.19
C GLY A 41 -7.02 8.64 2.59
N LYS A 42 -6.22 9.66 2.32
CA LYS A 42 -6.63 11.04 2.65
C LYS A 42 -6.28 11.99 1.51
N SER A 43 -6.32 13.28 1.81
CA SER A 43 -5.92 14.30 0.85
C SER A 43 -4.62 14.91 1.36
N PRO A 44 -3.54 14.77 0.58
CA PRO A 44 -2.27 15.41 0.94
C PRO A 44 -2.60 16.78 1.50
N LYS A 45 -2.12 17.09 2.68
CA LYS A 45 -2.43 18.41 3.26
C LYS A 45 -1.17 19.21 3.53
N THR A 46 -1.16 20.47 3.02
CA THR A 46 0.05 21.29 3.17
C THR A 46 0.19 21.83 4.58
N LEU A 47 1.33 21.72 5.23
CA LEU A 47 1.48 22.23 6.59
C LEU A 47 2.33 23.50 6.65
N ILE A 48 3.27 23.58 5.72
CA ILE A 48 4.25 24.63 5.64
C ILE A 48 4.46 25.07 4.20
N TYR A 49 4.43 26.40 3.98
CA TYR A 49 4.64 26.91 2.62
C TYR A 49 5.84 27.86 2.63
N ARG A 50 6.45 27.97 1.46
CA ARG A 50 7.66 28.78 1.30
C ARG A 50 8.64 28.58 2.43
N ALA A 51 9.16 27.37 2.62
CA ALA A 51 10.11 26.96 3.61
C ALA A 51 9.80 27.11 5.08
N ASN A 52 9.29 28.22 5.61
CA ASN A 52 9.07 28.30 7.05
C ASN A 52 7.71 28.87 7.47
N ARG A 53 6.86 29.19 6.51
CA ARG A 53 5.56 29.74 6.84
C ARG A 53 4.49 28.67 7.01
N LEU A 54 3.67 28.80 8.04
CA LEU A 54 2.61 27.85 8.33
C LEU A 54 1.54 27.77 7.26
N MET A 55 0.39 27.21 7.60
CA MET A 55 -0.71 27.10 6.63
C MET A 55 -2.02 27.30 7.41
N ILE A 56 -3.11 27.65 6.76
CA ILE A 56 -4.32 28.05 7.44
C ILE A 56 -4.57 27.37 8.77
N GLY A 57 -5.02 26.14 8.83
CA GLY A 57 -5.36 25.54 10.12
C GLY A 57 -4.34 24.54 10.62
N VAL A 58 -3.12 24.98 10.89
CA VAL A 58 -2.06 24.07 11.32
C VAL A 58 -1.47 24.44 12.67
N PRO A 59 -1.35 23.45 13.56
CA PRO A 59 -0.71 23.62 14.84
C PRO A 59 0.66 24.28 14.70
N SER A 60 1.19 24.78 15.80
CA SER A 60 2.47 25.46 15.86
C SER A 60 3.62 24.56 16.27
N ARG A 61 3.30 23.27 16.47
CA ARG A 61 4.35 22.30 16.78
C ARG A 61 5.14 22.05 15.49
N PHE A 62 4.48 22.12 14.35
CA PHE A 62 5.15 22.09 13.05
C PHE A 62 5.94 23.36 12.80
N SER A 63 7.20 23.22 12.37
CA SER A 63 8.01 24.42 12.12
C SER A 63 9.08 24.22 11.06
N GLY A 64 8.87 24.87 9.93
CA GLY A 64 9.79 24.89 8.80
C GLY A 64 11.06 25.68 9.08
N SER A 65 12.14 25.36 8.39
CA SER A 65 13.42 26.02 8.60
C SER A 65 14.44 25.70 7.52
N GLY A 66 15.53 26.46 7.50
CA GLY A 66 16.60 26.28 6.52
C GLY A 66 16.49 27.28 5.38
N SER A 67 17.51 27.33 4.55
CA SER A 67 17.57 28.23 3.40
C SER A 67 18.61 27.73 2.40
N GLY A 68 18.51 28.24 1.17
CA GLY A 68 19.45 27.86 0.14
C GLY A 68 19.19 26.49 -0.46
N GLN A 69 19.86 25.49 0.09
CA GLN A 69 19.78 24.10 -0.35
C GLN A 69 19.30 23.12 0.72
N THR A 70 19.52 23.46 1.99
CA THR A 70 19.11 22.57 3.07
C THR A 70 17.98 23.19 3.89
N TYR A 71 16.88 22.46 3.96
CA TYR A 71 15.64 22.80 4.63
C TYR A 71 15.22 21.73 5.61
N SER A 72 14.74 22.07 6.80
CA SER A 72 14.40 21.02 7.76
C SER A 72 13.14 21.24 8.56
N LEU A 73 12.18 20.31 8.43
CA LEU A 73 10.91 20.43 9.16
C LEU A 73 11.01 19.87 10.57
N THR A 74 10.34 20.53 11.50
CA THR A 74 10.33 20.13 12.90
C THR A 74 8.92 19.89 13.43
N ILE A 75 8.81 18.93 14.35
CA ILE A 75 7.64 18.61 15.13
C ILE A 75 8.14 18.48 16.58
N SER A 76 7.84 19.48 17.40
CA SER A 76 8.28 19.48 18.80
C SER A 76 7.55 18.44 19.63
N SER A 77 6.30 18.18 19.27
CA SER A 77 5.48 17.19 19.94
C SER A 77 4.63 16.39 18.95
N LEU A 78 5.11 15.17 18.72
CA LEU A 78 4.43 14.24 17.82
C LEU A 78 3.10 13.83 18.45
N GLU A 79 2.03 14.26 17.81
CA GLU A 79 0.68 13.88 18.21
C GLU A 79 0.34 12.63 17.43
N TYR A 80 -0.68 11.89 17.85
CA TYR A 80 -1.06 10.67 17.17
C TYR A 80 -1.65 10.90 15.79
N GLU A 81 -2.20 12.07 15.53
CA GLU A 81 -2.77 12.46 14.26
C GLU A 81 -1.66 12.85 13.27
N ASP A 82 -0.42 12.94 13.73
CA ASP A 82 0.72 13.34 12.93
C ASP A 82 1.39 12.15 12.24
N MET A 83 0.81 10.96 12.45
CA MET A 83 1.42 9.76 11.89
C MET A 83 1.01 9.63 10.44
N GLY A 84 1.99 9.37 9.58
CA GLY A 84 1.75 9.34 8.14
C GLY A 84 3.05 9.60 7.38
N ILE A 85 2.91 9.98 6.11
CA ILE A 85 4.12 10.22 5.30
C ILE A 85 4.34 11.67 4.90
N TYR A 86 5.50 12.20 5.28
CA TYR A 86 5.90 13.56 4.91
C TYR A 86 6.73 13.66 3.64
N TYR A 87 6.29 14.53 2.72
CA TYR A 87 7.03 14.84 1.51
C TYR A 87 7.50 16.29 1.49
N CYS A 88 8.38 16.66 0.58
CA CYS A 88 8.78 18.06 0.40
C CYS A 88 8.74 18.38 -1.10
N LEU A 89 8.24 19.56 -1.42
CA LEU A 89 8.13 20.02 -2.79
C LEU A 89 8.88 21.34 -3.05
N GLN A 90 9.71 21.34 -4.10
CA GLN A 90 10.46 22.49 -4.58
C GLN A 90 9.65 23.05 -5.75
N TYR A 91 9.35 24.35 -5.79
CA TYR A 91 8.57 24.80 -6.95
C TYR A 91 9.19 26.04 -7.56
N ASP A 92 10.49 26.24 -7.29
CA ASP A 92 11.28 27.28 -7.91
C ASP A 92 11.26 27.16 -9.43
N ASP A 93 11.85 26.12 -10.01
CA ASP A 93 11.84 25.94 -11.46
C ASP A 93 11.21 24.63 -11.92
N PHE A 94 10.61 24.64 -13.11
CA PHE A 94 10.02 23.46 -13.71
C PHE A 94 11.15 22.55 -14.19
N PRO A 95 10.96 21.25 -14.08
CA PRO A 95 9.73 20.65 -13.60
C PRO A 95 9.66 20.59 -12.09
N LEU A 96 8.47 20.63 -11.51
CA LEU A 96 8.35 20.55 -10.05
C LEU A 96 8.81 19.17 -9.67
N THR A 97 9.54 19.01 -8.58
CA THR A 97 10.06 17.73 -8.17
C THR A 97 9.88 17.57 -6.66
N PHE A 98 9.78 16.29 -6.26
CA PHE A 98 9.56 15.98 -4.86
C PHE A 98 10.59 15.07 -4.24
N GLY A 99 10.62 15.06 -2.90
CA GLY A 99 11.47 14.14 -2.15
C GLY A 99 10.83 12.75 -2.20
N ALA A 100 11.49 11.78 -1.56
CA ALA A 100 11.06 10.39 -1.63
C ALA A 100 9.96 10.02 -0.64
N GLY A 101 9.99 10.62 0.54
CA GLY A 101 8.95 10.50 1.53
C GLY A 101 9.55 10.18 2.88
N THR A 102 8.97 10.52 4.03
CA THR A 102 9.51 10.01 5.27
C THR A 102 8.34 9.51 6.14
N LYS A 103 8.44 8.21 6.41
CA LYS A 103 7.44 7.47 7.14
C LYS A 103 7.75 7.44 8.63
N LEU A 104 6.82 8.01 9.36
CA LEU A 104 6.98 8.06 10.82
C LEU A 104 6.18 6.89 11.35
N ASP A 105 6.83 6.00 12.08
CA ASP A 105 6.20 4.84 12.66
C ASP A 105 6.40 4.78 14.17
N LEU A 106 5.40 4.28 14.87
CA LEU A 106 5.42 4.17 16.32
C LEU A 106 6.49 3.21 16.82
N LYS A 107 7.22 3.58 17.85
CA LYS A 107 8.28 2.73 18.40
C LYS A 107 7.73 1.74 19.42
N ARG A 108 8.40 0.61 19.60
CA ARG A 108 7.97 -0.35 20.62
C ARG A 108 9.06 -1.38 20.92
N ALA A 109 8.80 -2.22 21.92
CA ALA A 109 9.75 -3.26 22.29
C ALA A 109 9.83 -4.32 21.18
N ASP A 110 10.95 -5.00 21.10
CA ASP A 110 11.20 -6.08 20.16
C ASP A 110 10.18 -7.20 20.34
N ALA A 111 9.75 -7.83 19.25
CA ALA A 111 8.77 -8.89 19.30
C ALA A 111 9.04 -9.86 18.14
N ALA A 112 9.30 -11.11 18.50
CA ALA A 112 9.61 -12.14 17.49
C ALA A 112 8.30 -12.56 16.86
N PRO A 113 8.34 -13.07 15.63
CA PRO A 113 7.12 -13.42 14.94
C PRO A 113 6.58 -14.74 15.43
N THR A 114 5.32 -15.04 15.10
CA THR A 114 4.74 -16.35 15.28
C THR A 114 4.47 -16.81 13.84
N VAL A 115 5.25 -17.79 13.42
CA VAL A 115 5.18 -18.37 12.08
C VAL A 115 4.25 -19.57 12.04
N SER A 116 3.55 -19.74 10.94
CA SER A 116 2.63 -20.81 10.68
C SER A 116 2.76 -21.20 9.20
N ILE A 117 2.86 -22.48 8.87
CA ILE A 117 2.96 -22.89 7.47
C ILE A 117 1.70 -23.66 7.10
N PHE A 118 1.21 -23.58 5.88
CA PHE A 118 -0.03 -24.19 5.44
C PHE A 118 0.04 -24.94 4.12
N PRO A 119 -0.05 -26.26 4.14
CA PRO A 119 -0.05 -27.05 2.90
C PRO A 119 -1.18 -26.54 2.04
N PRO A 120 -1.12 -26.68 0.73
CA PRO A 120 -2.23 -26.29 -0.13
C PRO A 120 -3.51 -26.96 0.33
N SER A 121 -4.63 -26.49 -0.21
CA SER A 121 -5.93 -27.10 0.09
C SER A 121 -6.24 -28.09 -1.02
N SER A 122 -6.99 -29.13 -0.72
CA SER A 122 -7.33 -30.18 -1.65
C SER A 122 -8.10 -29.67 -2.85
N GLU A 123 -9.01 -28.74 -2.61
CA GLU A 123 -9.82 -28.09 -3.63
C GLU A 123 -8.93 -27.41 -4.65
N GLN A 124 -7.88 -26.73 -4.16
CA GLN A 124 -6.95 -26.10 -5.07
C GLN A 124 -6.14 -27.14 -5.83
N LEU A 125 -5.67 -28.19 -5.18
CA LEU A 125 -4.89 -29.23 -5.86
C LEU A 125 -5.63 -29.84 -7.03
N THR A 126 -6.93 -29.95 -6.96
CA THR A 126 -7.80 -30.35 -8.06
C THR A 126 -7.74 -29.46 -9.29
N SER A 127 -7.29 -28.22 -9.21
CA SER A 127 -7.32 -27.33 -10.36
C SER A 127 -6.01 -27.41 -11.14
N GLY A 128 -4.89 -27.61 -10.45
CA GLY A 128 -3.59 -27.66 -11.10
C GLY A 128 -2.54 -26.85 -10.33
N GLY A 129 -3.00 -25.88 -9.54
CA GLY A 129 -2.08 -25.04 -8.79
C GLY A 129 -1.94 -25.52 -7.36
N ALA A 130 -0.82 -25.16 -6.76
CA ALA A 130 -0.54 -25.55 -5.39
C ALA A 130 0.15 -24.36 -4.71
N SER A 131 -0.56 -23.69 -3.79
CA SER A 131 0.05 -22.55 -3.13
C SER A 131 0.44 -22.90 -1.70
N VAL A 132 1.71 -22.78 -1.35
CA VAL A 132 2.10 -22.94 0.05
C VAL A 132 2.23 -21.54 0.67
N VAL A 133 1.61 -21.33 1.84
CA VAL A 133 1.49 -20.05 2.50
C VAL A 133 2.15 -20.08 3.87
N CYS A 134 2.90 -19.05 4.20
CA CYS A 134 3.53 -18.87 5.49
C CYS A 134 3.05 -17.54 6.09
N PHE A 135 2.65 -17.57 7.35
CA PHE A 135 2.18 -16.36 8.01
C PHE A 135 3.18 -15.97 9.07
N LEU A 136 3.62 -14.71 9.07
CA LEU A 136 4.59 -14.23 10.05
C LEU A 136 3.92 -13.00 10.67
N ASN A 137 3.32 -13.32 11.80
CA ASN A 137 2.44 -12.44 12.53
C ASN A 137 3.04 -11.81 13.78
N ASN A 138 2.60 -10.58 13.99
CA ASN A 138 2.96 -9.73 15.10
C ASN A 138 4.41 -9.63 15.48
N PHE A 139 5.25 -9.12 14.58
CA PHE A 139 6.65 -8.89 14.97
C PHE A 139 7.05 -7.42 14.84
N TYR A 140 8.09 -7.02 15.54
CA TYR A 140 8.67 -5.68 15.54
C TYR A 140 10.16 -5.80 15.87
N PRO A 141 10.99 -5.09 15.14
CA PRO A 141 10.58 -4.22 14.06
C PRO A 141 10.36 -4.93 12.74
N LYS A 142 9.86 -4.21 11.76
CA LYS A 142 9.52 -4.54 10.41
C LYS A 142 10.54 -5.36 9.62
N GLU A 143 11.82 -5.19 9.90
CA GLU A 143 12.87 -5.87 9.14
C GLU A 143 12.84 -7.38 9.35
N ILE A 144 12.56 -8.12 8.29
CA ILE A 144 12.53 -9.57 8.44
C ILE A 144 12.96 -10.36 7.21
N ASN A 145 13.47 -11.55 7.47
CA ASN A 145 13.97 -12.50 6.50
C ASN A 145 13.06 -13.70 6.29
N VAL A 146 12.58 -13.97 5.09
CA VAL A 146 11.79 -15.17 4.85
C VAL A 146 12.37 -15.99 3.70
N LYS A 147 12.87 -17.18 3.97
CA LYS A 147 13.39 -18.05 2.91
C LYS A 147 12.49 -19.28 2.79
N TRP A 148 12.36 -19.78 1.59
CA TRP A 148 11.60 -21.00 1.33
C TRP A 148 12.50 -22.14 0.88
N LYS A 149 12.25 -23.31 1.47
CA LYS A 149 13.05 -24.50 1.24
C LYS A 149 12.22 -25.72 0.88
N ILE A 150 12.54 -26.24 -0.30
CA ILE A 150 11.93 -27.45 -0.83
C ILE A 150 12.96 -28.58 -0.85
N ASP A 151 12.83 -29.49 0.09
CA ASP A 151 13.73 -30.63 0.30
C ASP A 151 15.15 -30.18 0.58
N GLY A 152 15.30 -29.17 1.43
CA GLY A 152 16.57 -28.65 1.84
C GLY A 152 17.17 -27.58 0.95
N SER A 153 16.68 -27.35 -0.25
CA SER A 153 17.24 -26.31 -1.10
C SER A 153 16.34 -25.07 -1.08
N GLU A 154 16.97 -23.91 -1.22
CA GLU A 154 16.30 -22.63 -1.27
C GLU A 154 15.59 -22.44 -2.61
N ARG A 155 14.36 -21.93 -2.58
CA ARG A 155 13.66 -21.65 -3.82
C ARG A 155 13.40 -20.15 -3.84
N GLN A 156 13.59 -19.53 -5.01
CA GLN A 156 13.39 -18.09 -5.13
C GLN A 156 12.29 -17.73 -6.12
N ASN A 157 12.27 -18.31 -7.30
CA ASN A 157 11.21 -17.98 -8.27
C ASN A 157 9.86 -18.42 -7.71
N GLY A 158 8.79 -17.65 -7.94
CA GLY A 158 7.46 -17.98 -7.47
C GLY A 158 7.05 -17.62 -6.06
N VAL A 159 7.87 -16.85 -5.36
CA VAL A 159 7.63 -16.39 -3.99
C VAL A 159 6.97 -15.03 -3.99
N LEU A 160 6.04 -14.69 -3.11
CA LEU A 160 5.40 -13.37 -3.21
C LEU A 160 4.86 -12.88 -1.88
N ASP A 161 5.37 -11.76 -1.39
CA ASP A 161 5.08 -11.30 -0.04
C ASP A 161 4.15 -10.10 0.00
N SER A 162 3.43 -9.96 1.10
CA SER A 162 2.49 -8.86 1.32
C SER A 162 2.65 -8.50 2.79
N TRP A 163 2.79 -7.21 3.08
CA TRP A 163 2.97 -6.81 4.49
C TRP A 163 1.75 -5.99 4.89
N THR A 164 1.56 -5.81 6.18
CA THR A 164 0.52 -4.94 6.70
C THR A 164 1.27 -3.76 7.32
N GLU A 165 0.58 -2.66 7.57
CA GLU A 165 1.23 -1.53 8.23
C GLU A 165 1.21 -1.80 9.73
N GLN A 166 1.72 -0.88 10.54
CA GLN A 166 1.65 -1.06 11.97
C GLN A 166 0.22 -1.38 12.40
N ASP A 167 0.16 -2.35 13.30
CA ASP A 167 -1.04 -2.71 14.01
C ASP A 167 -1.29 -1.64 15.07
N SER A 168 -2.41 -0.93 15.05
CA SER A 168 -2.66 0.06 16.10
C SER A 168 -3.48 -0.58 17.22
N LYS A 169 -2.90 -1.59 17.83
CA LYS A 169 -3.43 -2.38 18.92
C LYS A 169 -2.21 -2.99 19.63
N ASP A 170 -1.14 -3.21 18.86
CA ASP A 170 0.10 -3.66 19.48
C ASP A 170 1.32 -3.09 18.77
N SER A 171 1.16 -2.33 17.70
CA SER A 171 2.34 -1.75 17.04
C SER A 171 3.27 -2.83 16.49
N THR A 172 2.73 -3.88 15.90
CA THR A 172 3.60 -4.92 15.35
C THR A 172 3.37 -4.89 13.86
N TYR A 173 3.99 -5.84 13.17
CA TYR A 173 3.86 -5.98 11.73
C TYR A 173 3.49 -7.43 11.42
N SER A 174 2.92 -7.65 10.23
CA SER A 174 2.53 -9.00 9.86
C SER A 174 2.89 -9.22 8.39
N MET A 175 3.22 -10.48 8.19
CA MET A 175 3.73 -10.97 6.93
C MET A 175 3.08 -12.21 6.38
N SER A 176 2.77 -12.14 5.10
CA SER A 176 2.19 -13.23 4.37
C SER A 176 3.12 -13.59 3.19
N SER A 177 3.59 -14.84 3.26
CA SER A 177 4.50 -15.37 2.26
C SER A 177 3.80 -16.49 1.49
N THR A 178 3.75 -16.47 0.17
CA THR A 178 3.13 -17.49 -0.62
C THR A 178 4.04 -17.98 -1.75
N LEU A 179 4.29 -19.29 -1.71
CA LEU A 179 5.10 -19.92 -2.76
C LEU A 179 4.12 -20.69 -3.65
N THR A 180 3.97 -20.31 -4.90
CA THR A 180 2.99 -21.00 -5.74
C THR A 180 3.69 -21.83 -6.83
N LEU A 181 3.23 -23.08 -6.90
CA LEU A 181 3.77 -24.08 -7.79
C LEU A 181 2.66 -24.73 -8.60
N THR A 182 3.06 -25.58 -9.55
CA THR A 182 2.03 -26.38 -10.23
C THR A 182 1.70 -27.49 -9.23
N LYS A 183 0.64 -28.26 -9.44
CA LYS A 183 0.40 -29.42 -8.57
C LYS A 183 1.42 -30.49 -8.92
N ASP A 184 1.84 -30.49 -10.19
CA ASP A 184 2.87 -31.32 -10.75
C ASP A 184 4.22 -31.06 -10.09
N GLU A 185 4.67 -29.81 -10.07
CA GLU A 185 5.91 -29.44 -9.40
C GLU A 185 5.79 -29.81 -7.92
N TYR A 186 4.71 -29.34 -7.30
CA TYR A 186 4.45 -29.57 -5.89
C TYR A 186 4.60 -31.02 -5.46
N GLU A 187 4.03 -31.95 -6.19
CA GLU A 187 4.10 -33.37 -5.91
C GLU A 187 5.43 -34.04 -6.17
N ARG A 188 6.37 -33.47 -6.92
CA ARG A 188 7.70 -34.06 -7.04
C ARG A 188 8.55 -34.00 -5.78
N HIS A 189 8.33 -33.07 -4.86
CA HIS A 189 9.21 -33.02 -3.67
C HIS A 189 8.45 -33.23 -2.37
N ASN A 190 9.12 -33.48 -1.24
CA ASN A 190 8.38 -33.80 -0.03
C ASN A 190 8.39 -32.79 1.10
N SER A 191 9.53 -32.28 1.54
CA SER A 191 9.53 -31.37 2.69
C SER A 191 9.52 -29.91 2.29
N TYR A 192 8.64 -29.14 2.96
CA TYR A 192 8.46 -27.72 2.69
C TYR A 192 8.63 -26.89 3.96
N THR A 193 9.67 -26.08 4.00
CA THR A 193 9.94 -25.26 5.17
C THR A 193 9.93 -23.77 4.84
N CYS A 194 9.47 -22.99 5.81
CA CYS A 194 9.43 -21.54 5.71
C CYS A 194 10.30 -21.01 6.83
N GLU A 195 11.37 -20.30 6.46
CA GLU A 195 12.38 -19.98 7.47
C GLU A 195 12.58 -18.49 7.61
N ALA A 196 12.32 -18.02 8.84
CA ALA A 196 12.41 -16.59 9.11
C ALA A 196 13.55 -16.19 10.03
N THR A 197 14.31 -15.18 9.59
CA THR A 197 15.31 -14.60 10.48
C THR A 197 14.78 -13.23 10.91
N HIS A 198 15.20 -12.82 12.09
CA HIS A 198 14.79 -11.53 12.64
C HIS A 198 15.63 -11.25 13.86
N LYS A 199 15.87 -9.96 14.15
CA LYS A 199 16.63 -9.48 15.29
C LYS A 199 16.44 -10.20 16.62
N THR A 200 15.25 -10.65 16.95
CA THR A 200 14.95 -11.29 18.22
C THR A 200 15.70 -12.57 18.54
N SER A 201 16.17 -13.35 17.57
CA SER A 201 16.91 -14.58 17.83
C SER A 201 18.02 -14.75 16.81
N THR A 202 19.18 -15.24 17.23
CA THR A 202 20.32 -15.45 16.33
C THR A 202 20.01 -16.56 15.33
N SER A 203 19.33 -17.61 15.79
CA SER A 203 18.93 -18.70 14.91
C SER A 203 17.59 -18.38 14.25
N PRO A 204 17.45 -18.82 13.01
CA PRO A 204 16.25 -18.63 12.22
C PRO A 204 15.06 -19.36 12.82
N ILE A 205 13.86 -18.93 12.46
CA ILE A 205 12.65 -19.60 12.92
C ILE A 205 12.09 -20.44 11.78
N VAL A 206 12.03 -21.75 12.07
CA VAL A 206 11.62 -22.75 11.11
C VAL A 206 10.27 -23.39 11.40
N LYS A 207 9.43 -23.47 10.39
CA LYS A 207 8.18 -24.19 10.40
C LYS A 207 8.14 -25.00 9.10
N SER A 208 7.98 -26.32 9.17
CA SER A 208 7.93 -27.12 7.96
C SER A 208 6.80 -28.14 8.07
N PHE A 209 6.75 -28.96 7.04
CA PHE A 209 5.77 -30.05 7.04
C PHE A 209 6.18 -31.03 5.94
N ASN A 210 5.85 -32.29 6.13
CA ASN A 210 6.11 -33.30 5.10
C ASN A 210 4.84 -33.44 4.28
N ARG A 211 4.95 -33.65 2.98
CA ARG A 211 3.73 -33.66 2.17
C ARG A 211 2.80 -34.83 2.41
N ASN A 212 3.26 -35.97 2.92
CA ASN A 212 2.38 -37.08 3.22
C ASN A 212 2.36 -37.35 4.72
N GLU A 213 2.48 -36.30 5.50
CA GLU A 213 2.50 -36.28 6.96
C GLU A 213 3.85 -36.64 7.56
N CYS A 214 4.62 -37.46 6.86
CA CYS A 214 5.95 -37.91 7.24
C CYS A 214 6.67 -38.49 6.02
N GLN B 1 -12.97 28.52 2.01
CA GLN B 1 -12.86 27.35 1.11
C GLN B 1 -11.41 27.14 0.66
N ASP B 2 -11.11 25.88 0.35
CA ASP B 2 -9.82 25.42 -0.10
C ASP B 2 -10.02 24.68 -1.42
N GLN B 3 -10.95 23.75 -1.37
CA GLN B 3 -11.47 22.88 -2.37
C GLN B 3 -10.95 22.87 -3.80
N LEU B 4 -10.79 21.63 -4.25
CA LEU B 4 -10.48 21.09 -5.54
C LEU B 4 -11.10 19.66 -5.50
N GLN B 5 -12.04 19.41 -6.40
CA GLN B 5 -12.78 18.16 -6.41
C GLN B 5 -12.56 17.39 -7.69
N GLN B 6 -11.97 16.21 -7.60
CA GLN B 6 -11.64 15.39 -8.75
C GLN B 6 -12.66 14.37 -9.23
N SER B 7 -12.60 14.02 -10.51
CA SER B 7 -13.47 13.03 -11.10
C SER B 7 -13.33 11.67 -10.42
N GLY B 8 -14.25 10.75 -10.72
CA GLY B 8 -14.32 9.46 -10.04
C GLY B 8 -13.35 8.44 -10.60
N ALA B 9 -13.08 7.40 -9.81
CA ALA B 9 -12.18 6.32 -10.21
C ALA B 9 -12.58 5.77 -11.57
N GLU B 10 -11.59 5.32 -12.34
CA GLU B 10 -11.80 4.84 -13.69
C GLU B 10 -11.07 3.51 -13.93
N LEU B 11 -11.78 2.59 -14.54
CA LEU B 11 -11.24 1.27 -14.90
C LEU B 11 -11.27 1.22 -16.42
N VAL B 12 -10.10 1.24 -17.06
CA VAL B 12 -10.07 1.44 -18.52
C VAL B 12 -9.24 0.35 -19.18
N ARG B 13 -9.60 0.03 -20.42
CA ARG B 13 -8.85 -1.00 -21.16
C ARG B 13 -7.68 -0.35 -21.87
N PRO B 14 -6.62 -1.13 -22.09
CA PRO B 14 -5.41 -0.68 -22.75
C PRO B 14 -5.66 -0.15 -24.15
N GLY B 15 -5.00 0.97 -24.47
CA GLY B 15 -5.14 1.60 -25.77
C GLY B 15 -6.20 2.67 -25.82
N ALA B 16 -7.04 2.77 -24.78
CA ALA B 16 -8.08 3.79 -24.74
C ALA B 16 -7.56 5.06 -24.08
N SER B 17 -8.50 5.96 -23.82
CA SER B 17 -8.20 7.23 -23.18
C SER B 17 -9.20 7.57 -22.08
N VAL B 18 -8.71 8.31 -21.10
CA VAL B 18 -9.52 8.85 -20.03
C VAL B 18 -9.26 10.37 -19.96
N LYS B 19 -10.27 11.08 -19.51
CA LYS B 19 -10.21 12.52 -19.33
C LYS B 19 -10.59 12.82 -17.89
N LEU B 20 -9.62 13.13 -17.04
CA LEU B 20 -9.87 13.40 -15.64
C LEU B 20 -10.26 14.86 -15.45
N SER B 21 -11.03 15.18 -14.42
CA SER B 21 -11.41 16.57 -14.23
C SER B 21 -11.10 17.01 -12.81
N CYS B 22 -10.89 18.30 -12.63
CA CYS B 22 -10.54 18.82 -11.30
C CYS B 22 -11.29 20.13 -11.08
N LYS B 23 -12.35 20.02 -10.29
CA LYS B 23 -13.24 21.14 -10.05
C LYS B 23 -12.71 22.04 -8.94
N ALA B 24 -12.58 23.33 -9.28
CA ALA B 24 -12.18 24.30 -8.27
C ALA B 24 -13.42 24.96 -7.67
N LEU B 25 -13.40 25.15 -6.35
CA LEU B 25 -14.46 25.87 -5.66
C LEU B 25 -13.80 26.74 -4.58
N GLY B 26 -14.49 27.82 -4.26
CA GLY B 26 -14.16 28.79 -3.26
C GLY B 26 -13.00 29.71 -3.44
N TYR B 27 -12.52 29.96 -4.65
CA TYR B 27 -11.45 30.93 -4.89
C TYR B 27 -11.68 31.43 -6.32
N ILE B 28 -10.92 32.36 -6.88
CA ILE B 28 -11.21 32.75 -8.26
C ILE B 28 -10.33 31.91 -9.19
N PHE B 29 -10.97 30.94 -9.81
CA PHE B 29 -10.26 30.02 -10.71
C PHE B 29 -9.83 30.83 -11.92
N THR B 30 -8.64 31.39 -11.94
CA THR B 30 -8.12 32.17 -13.04
C THR B 30 -6.78 32.79 -12.58
N ASP B 31 -6.66 32.95 -11.27
CA ASP B 31 -5.56 33.59 -10.61
C ASP B 31 -4.42 32.70 -10.16
N TYR B 32 -4.56 31.39 -10.25
CA TYR B 32 -3.53 30.44 -9.82
C TYR B 32 -3.50 29.30 -10.84
N GLU B 33 -2.33 28.68 -11.00
CA GLU B 33 -2.25 27.58 -11.97
C GLU B 33 -2.53 26.23 -11.32
N ILE B 34 -3.05 25.29 -12.10
CA ILE B 34 -3.36 23.95 -11.58
C ILE B 34 -2.28 22.97 -12.04
N HIS B 35 -1.72 22.20 -11.12
CA HIS B 35 -0.73 21.20 -11.52
C HIS B 35 -1.26 19.78 -11.28
N TRP B 36 -0.90 18.88 -12.18
CA TRP B 36 -1.22 17.47 -12.16
C TRP B 36 0.01 16.62 -11.85
N VAL B 37 -0.09 15.86 -10.78
CA VAL B 37 0.92 15.04 -10.17
C VAL B 37 0.62 13.54 -10.22
N LYS B 38 1.64 12.72 -10.44
CA LYS B 38 1.45 11.28 -10.56
C LYS B 38 2.05 10.53 -9.38
N GLN B 39 1.27 9.57 -8.88
CA GLN B 39 1.70 8.79 -7.73
C GLN B 39 1.75 7.32 -8.09
N THR B 40 2.91 6.70 -7.93
CA THR B 40 3.09 5.28 -8.16
C THR B 40 3.95 4.79 -6.98
N PRO B 41 3.68 3.60 -6.49
CA PRO B 41 4.45 2.99 -5.42
C PRO B 41 5.91 2.88 -5.79
N VAL B 42 6.08 2.50 -7.05
CA VAL B 42 7.36 2.32 -7.70
C VAL B 42 8.09 3.63 -7.87
N HIS B 43 7.42 4.73 -8.25
CA HIS B 43 8.13 5.97 -8.50
C HIS B 43 7.88 7.16 -7.61
N GLY B 44 7.17 7.06 -6.51
CA GLY B 44 6.88 8.28 -5.73
C GLY B 44 6.03 9.21 -6.60
N LEU B 45 6.07 10.49 -6.22
CA LEU B 45 5.33 11.54 -6.90
C LEU B 45 6.05 12.02 -8.15
N GLU B 46 5.33 12.19 -9.26
CA GLU B 46 5.90 12.82 -10.44
C GLU B 46 4.98 13.90 -11.01
N TRP B 47 5.55 15.05 -11.38
CA TRP B 47 4.89 16.20 -11.96
C TRP B 47 4.57 15.98 -13.42
N ILE B 48 3.34 16.13 -13.87
CA ILE B 48 3.00 15.96 -15.28
C ILE B 48 3.05 17.25 -16.11
N GLY B 49 2.43 18.27 -15.53
CA GLY B 49 2.32 19.58 -16.14
C GLY B 49 1.39 20.46 -15.30
N GLY B 50 1.22 21.70 -15.77
CA GLY B 50 0.38 22.68 -15.10
C GLY B 50 -0.32 23.57 -16.13
N ILE B 51 -1.47 24.15 -15.77
CA ILE B 51 -2.22 25.00 -16.67
C ILE B 51 -2.62 26.29 -15.94
N HIS B 52 -2.73 27.37 -16.70
CA HIS B 52 -3.18 28.62 -16.12
C HIS B 52 -4.59 28.87 -16.66
N PRO B 53 -5.56 28.91 -15.74
CA PRO B 53 -6.94 29.24 -16.10
C PRO B 53 -6.98 30.64 -16.73
N GLY B 54 -6.24 31.57 -16.14
CA GLY B 54 -6.03 32.89 -16.67
C GLY B 54 -5.40 32.91 -18.05
N SER B 55 -4.07 32.77 -18.16
CA SER B 55 -3.38 32.92 -19.44
C SER B 55 -3.49 31.76 -20.40
N SER B 56 -3.91 30.58 -19.96
CA SER B 56 -4.06 29.41 -20.82
C SER B 56 -2.73 28.82 -21.26
N GLY B 57 -1.68 29.13 -20.52
CA GLY B 57 -0.33 28.67 -20.80
C GLY B 57 -0.04 27.36 -20.08
N THR B 58 0.23 26.34 -20.87
CA THR B 58 0.53 25.00 -20.38
C THR B 58 2.02 24.71 -20.40
N ALA B 59 2.49 24.07 -19.34
CA ALA B 59 3.84 23.54 -19.24
C ALA B 59 3.74 22.02 -19.04
N TYR B 60 4.53 21.24 -19.78
CA TYR B 60 4.49 19.80 -19.63
C TYR B 60 5.85 19.30 -19.15
N ASN B 61 5.87 18.20 -18.42
CA ASN B 61 7.13 17.53 -18.04
C ASN B 61 7.54 16.77 -19.29
N GLN B 62 8.79 16.77 -19.72
CA GLN B 62 9.14 16.11 -20.98
C GLN B 62 8.69 14.67 -21.00
N LYS B 63 8.81 13.93 -19.91
CA LYS B 63 8.33 12.55 -19.88
C LYS B 63 6.89 12.45 -20.37
N PHE B 64 5.98 13.24 -19.83
CA PHE B 64 4.58 13.17 -20.19
C PHE B 64 4.15 13.94 -21.42
N LYS B 65 5.00 14.74 -22.07
CA LYS B 65 4.55 15.38 -23.31
C LYS B 65 4.07 14.29 -24.26
N GLY B 66 2.86 14.40 -24.77
CA GLY B 66 2.34 13.39 -25.68
C GLY B 66 1.42 12.36 -25.05
N LYS B 67 1.58 12.05 -23.78
CA LYS B 67 0.67 11.21 -23.01
C LYS B 67 -0.45 12.14 -22.52
N ALA B 68 -0.12 12.99 -21.57
CA ALA B 68 -0.99 13.99 -20.97
C ALA B 68 -1.32 15.18 -21.87
N THR B 69 -2.42 15.85 -21.58
CA THR B 69 -2.94 17.00 -22.28
C THR B 69 -3.79 17.83 -21.32
N LEU B 70 -3.30 18.99 -20.90
CA LEU B 70 -4.10 19.81 -19.99
C LEU B 70 -4.96 20.76 -20.79
N THR B 71 -6.09 21.17 -20.27
CA THR B 71 -7.07 22.07 -20.84
C THR B 71 -7.87 22.63 -19.63
N ALA B 72 -8.61 23.68 -19.89
CA ALA B 72 -9.39 24.27 -18.79
C ALA B 72 -10.72 24.76 -19.36
N ASP B 73 -11.65 25.03 -18.46
CA ASP B 73 -12.94 25.62 -18.81
C ASP B 73 -13.20 26.62 -17.68
N LYS B 74 -13.33 27.88 -18.09
CA LYS B 74 -13.51 28.98 -17.16
C LYS B 74 -14.87 29.07 -16.52
N SER B 75 -15.95 28.64 -17.17
CA SER B 75 -17.27 28.74 -16.58
C SER B 75 -17.50 27.64 -15.55
N SER B 76 -17.17 26.39 -15.89
CA SER B 76 -17.34 25.31 -14.93
C SER B 76 -16.40 25.43 -13.75
N THR B 77 -15.30 26.14 -13.84
CA THR B 77 -14.24 26.24 -12.86
C THR B 77 -13.49 24.90 -12.70
N THR B 78 -13.30 24.24 -13.83
CA THR B 78 -12.66 22.94 -13.90
C THR B 78 -11.47 22.86 -14.86
N ALA B 79 -10.45 22.12 -14.43
CA ALA B 79 -9.27 21.84 -15.25
C ALA B 79 -9.31 20.37 -15.66
N PHE B 80 -9.01 20.03 -16.90
CA PHE B 80 -9.11 18.65 -17.38
C PHE B 80 -7.75 18.01 -17.69
N MET B 81 -7.75 16.69 -17.75
CA MET B 81 -6.55 15.91 -18.02
C MET B 81 -6.90 14.68 -18.85
N GLU B 82 -6.69 14.80 -20.17
CA GLU B 82 -6.86 13.67 -21.07
C GLU B 82 -5.52 12.95 -21.19
N LEU B 83 -5.53 11.72 -20.69
CA LEU B 83 -4.39 10.80 -20.76
C LEU B 83 -4.66 9.98 -22.02
N SER B 84 -3.70 9.68 -22.87
CA SER B 84 -4.05 8.96 -24.10
C SER B 84 -3.32 7.66 -24.34
N SER B 85 -3.80 6.85 -25.30
CA SER B 85 -3.22 5.56 -25.62
C SER B 85 -2.70 4.87 -24.37
N LEU B 86 -3.61 4.55 -23.45
CA LEU B 86 -3.17 4.08 -22.13
C LEU B 86 -2.56 2.69 -22.20
N THR B 87 -1.72 2.42 -21.22
CA THR B 87 -1.04 1.16 -21.04
C THR B 87 -1.02 0.87 -19.53
N SER B 88 -0.68 -0.36 -19.18
CA SER B 88 -0.56 -0.73 -17.77
C SER B 88 0.12 0.37 -16.95
N GLU B 89 1.28 0.79 -17.41
CA GLU B 89 2.15 1.84 -16.95
C GLU B 89 1.53 3.12 -16.42
N ASP B 90 0.36 3.51 -16.88
CA ASP B 90 -0.35 4.70 -16.47
C ASP B 90 -1.26 4.47 -15.26
N SER B 91 -1.28 3.25 -14.75
CA SER B 91 -2.15 2.91 -13.63
C SER B 91 -1.60 3.60 -12.39
N ALA B 92 -2.40 4.47 -11.76
CA ALA B 92 -1.86 5.14 -10.58
C ALA B 92 -2.89 6.03 -9.93
N VAL B 93 -2.45 6.75 -8.89
CA VAL B 93 -3.38 7.73 -8.32
C VAL B 93 -2.93 9.09 -8.89
N TYR B 94 -3.83 9.72 -9.65
CA TYR B 94 -3.54 11.04 -10.19
C TYR B 94 -4.18 12.14 -9.34
N TYR B 95 -3.39 13.18 -9.05
CA TYR B 95 -3.83 14.33 -8.30
C TYR B 95 -3.79 15.63 -9.10
N CYS B 96 -4.46 16.60 -8.49
CA CYS B 96 -4.60 17.97 -8.96
C CYS B 96 -4.29 18.79 -7.71
N THR B 97 -3.43 19.77 -7.98
CA THR B 97 -2.87 20.60 -6.91
C THR B 97 -2.64 22.01 -7.44
N ARG B 98 -2.56 22.91 -6.49
CA ARG B 98 -2.38 24.34 -6.70
C ARG B 98 -1.11 24.73 -5.96
N LYS B 99 -0.51 23.72 -5.34
CA LYS B 99 0.70 23.78 -4.55
C LYS B 99 0.34 23.84 -3.07
N ASP B 100 -0.71 24.59 -2.75
CA ASP B 100 -1.15 24.72 -1.36
C ASP B 100 -2.33 23.77 -1.11
N TYR B 101 -3.33 23.74 -1.99
CA TYR B 101 -4.41 22.79 -1.81
C TYR B 101 -4.35 21.67 -2.85
N TRP B 102 -4.49 20.44 -2.39
CA TRP B 102 -4.55 19.30 -3.28
C TRP B 102 -5.99 18.82 -3.39
N GLY B 103 -6.36 18.29 -4.54
CA GLY B 103 -7.53 17.43 -4.62
C GLY B 103 -7.22 16.11 -3.89
N GLN B 104 -8.17 15.19 -3.97
CA GLN B 104 -8.21 13.93 -3.26
C GLN B 104 -7.55 12.79 -4.01
N GLY B 105 -7.35 12.96 -5.29
CA GLY B 105 -6.71 11.96 -6.15
C GLY B 105 -7.86 11.23 -6.86
N THR B 106 -7.58 10.71 -8.03
CA THR B 106 -8.51 9.88 -8.78
C THR B 106 -7.70 8.66 -9.20
N LEU B 107 -8.20 7.47 -8.91
CA LEU B 107 -7.47 6.24 -9.22
C LEU B 107 -7.75 5.77 -10.63
N VAL B 108 -6.72 5.50 -11.41
CA VAL B 108 -6.93 4.89 -12.72
C VAL B 108 -6.28 3.50 -12.69
N THR B 109 -6.98 2.56 -13.30
CA THR B 109 -6.48 1.18 -13.40
C THR B 109 -6.62 0.81 -14.86
N VAL B 110 -5.54 0.44 -15.53
CA VAL B 110 -5.62 0.08 -16.96
C VAL B 110 -5.37 -1.43 -17.03
N SER B 111 -6.31 -2.23 -17.51
CA SER B 111 -6.10 -3.68 -17.55
C SER B 111 -6.94 -4.38 -18.60
N ALA B 112 -6.43 -5.51 -19.09
CA ALA B 112 -7.17 -6.28 -20.11
C ALA B 112 -8.18 -7.23 -19.49
N ALA B 113 -7.95 -7.60 -18.24
CA ALA B 113 -8.70 -8.62 -17.53
C ALA B 113 -10.20 -8.39 -17.43
N LYS B 114 -10.99 -9.46 -17.60
CA LYS B 114 -12.45 -9.31 -17.49
C LYS B 114 -12.83 -9.54 -16.03
N THR B 115 -14.10 -9.38 -15.67
CA THR B 115 -14.54 -9.70 -14.30
C THR B 115 -14.16 -11.16 -14.01
N THR B 116 -13.66 -11.44 -12.82
CA THR B 116 -13.28 -12.82 -12.51
C THR B 116 -13.57 -13.04 -11.03
N ALA B 117 -14.53 -13.91 -10.72
CA ALA B 117 -14.85 -14.15 -9.30
C ALA B 117 -13.68 -14.89 -8.67
N PRO B 118 -13.43 -14.63 -7.39
CA PRO B 118 -12.34 -15.30 -6.70
C PRO B 118 -12.57 -16.79 -6.51
N SER B 119 -11.51 -17.47 -6.09
CA SER B 119 -11.51 -18.84 -5.66
C SER B 119 -11.11 -18.80 -4.18
N VAL B 120 -12.05 -19.13 -3.29
CA VAL B 120 -11.74 -19.07 -1.87
C VAL B 120 -11.27 -20.46 -1.44
N TYR B 121 -10.12 -20.58 -0.80
CA TYR B 121 -9.62 -21.82 -0.26
C TYR B 121 -9.42 -21.68 1.24
N PRO B 122 -9.76 -22.69 2.03
CA PRO B 122 -9.61 -22.64 3.48
C PRO B 122 -8.24 -23.14 3.85
N LEU B 123 -7.55 -22.61 4.83
CA LEU B 123 -6.23 -23.03 5.21
C LEU B 123 -6.20 -23.45 6.68
N VAL B 124 -6.26 -24.75 6.89
CA VAL B 124 -6.21 -25.43 8.19
C VAL B 124 -4.79 -25.86 8.42
N PRO B 125 -4.31 -26.04 9.65
CA PRO B 125 -2.97 -26.54 9.90
C PRO B 125 -2.80 -27.97 9.40
N VAL B 126 -1.62 -28.53 9.57
CA VAL B 126 -1.32 -29.89 9.13
C VAL B 126 -1.88 -30.93 10.09
N CYS B 127 -2.30 -32.09 9.63
CA CYS B 127 -2.89 -33.17 10.37
C CYS B 127 -2.39 -33.52 11.76
N GLY B 128 -1.10 -33.71 12.00
CA GLY B 128 -0.64 -34.26 13.28
C GLY B 128 -0.33 -33.18 14.29
N GLY B 129 -0.03 -33.53 15.53
CA GLY B 129 0.26 -32.69 16.64
C GLY B 129 0.31 -31.21 16.75
N THR B 130 0.17 -30.41 15.71
CA THR B 130 0.27 -28.97 15.66
C THR B 130 -0.85 -28.20 16.34
N THR B 131 -0.92 -28.37 17.67
CA THR B 131 -1.89 -27.65 18.47
C THR B 131 -1.30 -27.29 19.84
N GLY B 132 -0.80 -26.04 19.89
CA GLY B 132 -0.31 -25.46 21.14
C GLY B 132 -1.52 -24.73 21.73
N SER B 133 -1.33 -23.79 22.66
CA SER B 133 -2.44 -23.06 23.26
C SER B 133 -3.23 -22.18 22.30
N SER B 134 -2.68 -21.79 21.16
CA SER B 134 -3.47 -21.13 20.14
C SER B 134 -3.27 -21.79 18.78
N VAL B 135 -4.28 -21.69 17.93
CA VAL B 135 -4.17 -22.15 16.56
C VAL B 135 -4.46 -20.98 15.60
N THR B 136 -3.70 -20.99 14.52
CA THR B 136 -3.89 -20.02 13.47
C THR B 136 -4.48 -20.78 12.29
N LEU B 137 -5.54 -20.18 11.75
CA LEU B 137 -6.29 -20.71 10.64
C LEU B 137 -6.07 -19.77 9.45
N GLY B 138 -6.54 -20.11 8.26
CA GLY B 138 -6.32 -19.26 7.12
C GLY B 138 -7.43 -19.37 6.08
N CYS B 139 -7.26 -18.46 5.12
CA CYS B 139 -8.16 -18.28 4.01
C CYS B 139 -7.47 -17.65 2.81
N LEU B 140 -7.63 -18.22 1.63
CA LEU B 140 -6.97 -17.72 0.42
C LEU B 140 -7.96 -17.37 -0.67
N VAL B 141 -7.96 -16.09 -1.03
CA VAL B 141 -8.84 -15.57 -2.07
C VAL B 141 -7.97 -15.28 -3.30
N LYS B 142 -7.99 -16.13 -4.29
CA LYS B 142 -7.12 -15.95 -5.43
C LYS B 142 -7.87 -15.78 -6.74
N GLY B 143 -7.28 -15.05 -7.68
CA GLY B 143 -7.79 -14.87 -9.00
C GLY B 143 -8.94 -13.94 -9.23
N TYR B 144 -9.09 -12.84 -8.48
CA TYR B 144 -10.23 -11.97 -8.78
C TYR B 144 -9.82 -10.74 -9.58
N PHE B 145 -10.86 -10.06 -10.03
CA PHE B 145 -10.80 -8.84 -10.79
C PHE B 145 -12.19 -8.24 -10.95
N PRO B 146 -12.30 -6.96 -10.62
CA PRO B 146 -11.21 -6.14 -10.13
C PRO B 146 -11.09 -6.05 -8.61
N GLU B 147 -10.32 -5.08 -8.16
CA GLU B 147 -9.91 -4.88 -6.79
C GLU B 147 -10.83 -5.03 -5.65
N PRO B 148 -11.86 -4.33 -5.31
CA PRO B 148 -12.35 -4.45 -3.97
C PRO B 148 -12.87 -5.85 -3.65
N VAL B 149 -12.56 -6.36 -2.46
CA VAL B 149 -13.10 -7.59 -1.94
C VAL B 149 -13.35 -7.47 -0.44
N THR B 150 -14.49 -7.94 0.06
CA THR B 150 -14.70 -7.94 1.51
C THR B 150 -14.43 -9.33 2.09
N LEU B 151 -13.63 -9.33 3.14
CA LEU B 151 -13.19 -10.53 3.82
C LEU B 151 -13.47 -10.33 5.30
N THR B 152 -14.31 -11.21 5.83
CA THR B 152 -14.59 -11.20 7.27
C THR B 152 -14.64 -12.63 7.78
N TRP B 153 -14.33 -12.77 9.07
CA TRP B 153 -14.34 -14.06 9.74
C TRP B 153 -15.52 -14.16 10.68
N ASN B 154 -16.39 -15.14 10.46
CA ASN B 154 -17.61 -15.26 11.28
C ASN B 154 -18.38 -13.94 11.27
N SER B 155 -18.48 -13.29 10.12
CA SER B 155 -19.10 -12.00 9.92
C SER B 155 -19.05 -11.09 11.13
N GLY B 156 -17.87 -10.57 11.47
CA GLY B 156 -17.76 -9.62 12.55
C GLY B 156 -17.43 -10.09 13.94
N SER B 157 -17.93 -11.23 14.42
CA SER B 157 -17.66 -11.65 15.79
C SER B 157 -16.16 -11.84 16.01
N LEU B 158 -15.43 -12.31 15.00
CA LEU B 158 -13.98 -12.38 15.13
C LEU B 158 -13.34 -11.13 14.53
N SER B 159 -12.64 -10.35 15.35
CA SER B 159 -11.91 -9.20 14.85
C SER B 159 -10.53 -9.13 15.51
N SER B 160 -10.43 -9.74 16.68
CA SER B 160 -9.23 -9.71 17.50
C SER B 160 -8.40 -10.95 17.24
N GLY B 161 -7.43 -10.81 16.35
CA GLY B 161 -6.60 -11.95 15.95
C GLY B 161 -6.70 -11.99 14.41
N VAL B 162 -7.28 -10.94 13.82
CA VAL B 162 -7.38 -10.92 12.37
C VAL B 162 -6.29 -10.06 11.74
N HIS B 163 -5.86 -10.55 10.58
CA HIS B 163 -4.85 -9.98 9.74
C HIS B 163 -5.18 -10.28 8.28
N THR B 164 -5.60 -9.27 7.56
CA THR B 164 -5.87 -9.45 6.13
C THR B 164 -4.69 -8.77 5.44
N PHE B 165 -4.35 -9.14 4.21
CA PHE B 165 -3.13 -8.61 3.65
C PHE B 165 -3.48 -7.90 2.35
N PRO B 166 -2.81 -6.76 2.13
CA PRO B 166 -2.96 -6.01 0.92
C PRO B 166 -2.89 -6.95 -0.28
N ALA B 167 -3.88 -6.92 -1.15
CA ALA B 167 -3.84 -7.79 -2.30
C ALA B 167 -2.66 -7.46 -3.21
N LEU B 168 -1.87 -8.47 -3.52
CA LEU B 168 -0.80 -8.40 -4.48
C LEU B 168 -1.50 -8.44 -5.86
N LEU B 169 -0.75 -8.77 -6.90
CA LEU B 169 -1.25 -8.96 -8.24
C LEU B 169 -0.45 -10.13 -8.83
N GLN B 170 -1.11 -11.04 -9.51
CA GLN B 170 -0.50 -12.26 -10.03
C GLN B 170 -1.06 -12.61 -11.40
N SER B 171 -0.50 -12.08 -12.48
CA SER B 171 -0.98 -12.29 -13.84
C SER B 171 -2.20 -11.44 -14.15
N GLY B 172 -2.26 -10.28 -13.48
CA GLY B 172 -3.38 -9.37 -13.67
C GLY B 172 -4.61 -9.90 -12.96
N LEU B 173 -4.44 -10.79 -11.99
CA LEU B 173 -5.60 -11.25 -11.20
C LEU B 173 -5.17 -11.05 -9.75
N TYR B 174 -6.09 -10.64 -8.88
CA TYR B 174 -5.65 -10.35 -7.51
C TYR B 174 -5.61 -11.58 -6.62
N THR B 175 -4.73 -11.57 -5.64
CA THR B 175 -4.53 -12.64 -4.66
C THR B 175 -4.48 -12.01 -3.27
N LEU B 176 -5.23 -12.65 -2.37
CA LEU B 176 -5.32 -12.11 -1.01
C LEU B 176 -5.47 -13.28 -0.04
N SER B 177 -4.81 -13.12 1.10
CA SER B 177 -4.80 -14.02 2.21
C SER B 177 -5.24 -13.26 3.45
N SER B 178 -5.68 -14.03 4.42
CA SER B 178 -6.13 -13.51 5.70
C SER B 178 -5.88 -14.63 6.73
N SER B 179 -5.45 -14.24 7.91
CA SER B 179 -5.17 -15.18 8.98
C SER B 179 -6.04 -14.83 10.18
N VAL B 180 -6.15 -15.80 11.09
CA VAL B 180 -6.95 -15.67 12.29
C VAL B 180 -6.33 -16.50 13.41
N THR B 181 -6.20 -15.94 14.60
CA THR B 181 -5.61 -16.68 15.71
C THR B 181 -6.60 -16.77 16.87
N VAL B 182 -6.89 -18.02 17.22
CA VAL B 182 -7.80 -18.38 18.27
C VAL B 182 -7.17 -19.39 19.22
N THR B 183 -7.89 -19.58 20.31
CA THR B 183 -7.48 -20.46 21.40
C THR B 183 -7.68 -21.91 21.00
N SER B 184 -7.06 -22.82 21.74
CA SER B 184 -7.20 -24.24 21.47
C SER B 184 -8.61 -24.75 21.75
N ASN B 185 -9.30 -24.09 22.67
CA ASN B 185 -10.64 -24.51 23.06
C ASN B 185 -11.69 -23.95 22.11
N THR B 186 -11.29 -23.20 21.10
CA THR B 186 -12.20 -22.61 20.13
C THR B 186 -12.36 -23.46 18.90
N TRP B 187 -11.25 -23.78 18.24
CA TRP B 187 -11.28 -24.62 17.02
C TRP B 187 -10.52 -25.89 17.31
N PRO B 188 -10.97 -27.01 16.75
CA PRO B 188 -12.09 -27.08 15.85
C PRO B 188 -13.46 -27.35 16.42
N SER B 189 -13.64 -27.18 17.72
CA SER B 189 -14.97 -27.40 18.28
C SER B 189 -15.92 -26.46 17.55
N GLN B 190 -16.00 -25.20 17.95
CA GLN B 190 -16.92 -24.28 17.26
C GLN B 190 -16.50 -23.97 15.84
N THR B 191 -17.42 -23.55 14.98
CA THR B 191 -17.04 -23.35 13.58
C THR B 191 -16.53 -21.94 13.27
N ILE B 192 -15.50 -21.88 12.44
CA ILE B 192 -14.87 -20.68 11.95
C ILE B 192 -15.09 -20.54 10.43
N THR B 193 -15.71 -19.44 10.01
CA THR B 193 -15.97 -19.24 8.59
C THR B 193 -15.28 -18.02 7.99
N CYS B 194 -15.00 -18.17 6.69
CA CYS B 194 -14.33 -17.18 5.90
C CYS B 194 -15.33 -16.56 4.93
N ASN B 195 -15.79 -15.38 5.33
CA ASN B 195 -16.76 -14.64 4.52
C ASN B 195 -16.09 -13.73 3.51
N VAL B 196 -16.37 -13.98 2.23
CA VAL B 196 -15.78 -13.32 1.10
C VAL B 196 -16.86 -12.79 0.15
N ALA B 197 -16.76 -11.50 -0.11
CA ALA B 197 -17.69 -10.79 -0.97
C ALA B 197 -16.90 -10.03 -2.03
N HIS B 198 -17.38 -10.11 -3.24
CA HIS B 198 -16.82 -9.48 -4.43
C HIS B 198 -18.05 -8.98 -5.19
N PRO B 199 -18.40 -7.73 -4.86
CA PRO B 199 -19.55 -7.05 -5.43
C PRO B 199 -19.58 -7.17 -6.95
N ALA B 200 -18.53 -6.69 -7.60
CA ALA B 200 -18.46 -6.72 -9.05
C ALA B 200 -19.12 -7.98 -9.61
N SER B 201 -18.55 -9.16 -9.40
CA SER B 201 -19.11 -10.41 -9.88
C SER B 201 -20.24 -10.99 -9.03
N SER B 202 -20.63 -10.31 -7.97
CA SER B 202 -21.73 -10.75 -7.13
C SER B 202 -21.47 -12.16 -6.64
N THR B 203 -20.53 -12.24 -5.72
CA THR B 203 -20.13 -13.44 -5.04
C THR B 203 -20.24 -13.10 -3.55
N LYS B 204 -20.80 -14.00 -2.79
CA LYS B 204 -20.86 -13.93 -1.34
C LYS B 204 -20.65 -15.41 -0.94
N VAL B 205 -19.49 -15.74 -0.38
CA VAL B 205 -19.21 -17.14 -0.08
C VAL B 205 -18.73 -17.31 1.34
N ASP B 206 -19.34 -18.22 2.08
CA ASP B 206 -18.83 -18.63 3.39
C ASP B 206 -18.06 -19.94 3.20
N LYS B 207 -16.81 -20.06 3.61
CA LYS B 207 -16.08 -21.31 3.44
C LYS B 207 -15.55 -21.73 4.81
N LYS B 208 -16.03 -22.87 5.29
CA LYS B 208 -15.66 -23.28 6.66
C LYS B 208 -14.25 -23.84 6.66
N ILE B 209 -13.56 -23.67 7.78
CA ILE B 209 -12.23 -24.24 7.93
C ILE B 209 -12.39 -25.56 8.68
N GLU B 210 -12.39 -26.62 7.90
CA GLU B 210 -12.49 -27.98 8.42
C GLU B 210 -11.10 -28.54 8.72
N PRO B 211 -10.98 -29.34 9.76
CA PRO B 211 -9.74 -30.01 10.09
C PRO B 211 -9.32 -30.96 8.97
N ARG B 212 -8.00 -31.04 8.78
CA ARG B 212 -7.43 -31.93 7.77
C ARG B 212 -7.56 -33.38 8.24
N VAL B 213 -8.03 -34.23 7.32
CA VAL B 213 -8.28 -35.62 7.66
C VAL B 213 -7.10 -36.56 7.41
#